data_5ZA4
#
_entry.id   5ZA4
#
_cell.length_a   43.934
_cell.length_b   79.283
_cell.length_c   68.412
_cell.angle_alpha   90.000
_cell.angle_beta   91.210
_cell.angle_gamma   90.000
#
_symmetry.space_group_name_H-M   'P 1 21 1'
#
loop_
_entity.id
_entity.type
_entity.pdbx_description
1 polymer 'Putative ABC transporter periplasmic binding protein'
2 water water
#
_entity_poly.entity_id   1
_entity_poly.type   'polypeptide(L)'
_entity_poly.pdbx_seq_one_letter_code
;SFSSPSGSTIEAGIAYPISTGFDPLTSSGASSMAANLHIFEGLVDLHPVTRQPYLALAAKEPEQKDDLTYYISLREGAMF
HDGSPVTTEDVVYSFERVLDPAKASLFAQFIPFIASVTALDDNVVEFKLKYPFALFKERLTIIKIVPKHIVEAGQSAFDA
KPIGSGPYKFVSATKDDRIVFEANTVYNGHYPAKVEKMTWFLLSDDAARVTAQESGRVQAIESVPYLDAERLKRKNNVES
VQSFGLLFLMFNCEKAPFDNPKVRQALHYALDKQKLIDIVFLGNAKAATSYLQDTHPDYVKASSQYDYDKAKAEKLLAEA
GITNLTFQLLATDHAWVKECAPLILESWNALSVVKVTLQHLQSGALYSAHVDKGAYEVVIAPGDPSVFGNDLDLLLSWWY
RGDVWPKRRFRWANTAEYHEVQKLLDEAIKNPAGSKVAWQKAINIIAEQVPLYPIIHRKLPTAWNTKKLTDFQPLPTTGL
SFLGVGRT
;
_entity_poly.pdbx_strand_id   A
#
# COMPACT_ATOMS: atom_id res chain seq x y z
N SER A 1 -3.08 -21.34 -19.08
CA SER A 1 -2.49 -20.08 -19.52
C SER A 1 -3.26 -19.48 -20.70
N PHE A 2 -3.97 -20.30 -21.48
CA PHE A 2 -4.98 -19.77 -22.37
C PHE A 2 -6.37 -20.13 -21.87
N SER A 3 -7.27 -19.14 -21.87
CA SER A 3 -8.67 -19.33 -21.55
C SER A 3 -9.51 -18.45 -22.47
N SER A 4 -10.49 -19.03 -23.15
CA SER A 4 -11.40 -18.23 -23.98
C SER A 4 -12.33 -17.42 -23.10
N PRO A 5 -12.47 -16.11 -23.34
CA PRO A 5 -13.42 -15.34 -22.51
C PRO A 5 -14.87 -15.72 -22.74
N SER A 6 -15.26 -16.08 -23.97
CA SER A 6 -16.68 -16.12 -24.32
C SER A 6 -17.41 -17.16 -23.47
N GLY A 7 -18.57 -16.77 -22.95
CA GLY A 7 -19.33 -17.58 -22.02
C GLY A 7 -18.99 -17.38 -20.56
N SER A 8 -17.78 -16.93 -20.23
CA SER A 8 -17.31 -16.87 -18.86
C SER A 8 -17.49 -15.48 -18.25
N THR A 9 -17.98 -15.45 -17.00
CA THR A 9 -18.05 -14.26 -16.18
C THR A 9 -17.47 -14.53 -14.79
N ILE A 10 -17.09 -13.45 -14.11
CA ILE A 10 -16.57 -13.50 -12.75
C ILE A 10 -17.37 -12.53 -11.90
N GLU A 11 -17.85 -13.00 -10.74
CA GLU A 11 -18.50 -12.19 -9.73
C GLU A 11 -17.67 -12.25 -8.46
N ALA A 12 -17.35 -11.09 -7.88
CA ALA A 12 -16.49 -10.99 -6.72
C ALA A 12 -17.17 -10.12 -5.68
N GLY A 13 -16.84 -10.39 -4.42
CA GLY A 13 -17.31 -9.58 -3.32
C GLY A 13 -16.19 -8.73 -2.76
N ILE A 14 -16.32 -7.41 -2.87
CA ILE A 14 -15.33 -6.50 -2.32
C ILE A 14 -15.88 -5.83 -1.06
N ALA A 15 -14.98 -5.49 -0.13
CA ALA A 15 -15.35 -5.02 1.20
C ALA A 15 -15.42 -3.51 1.32
N TYR A 16 -14.54 -2.79 0.66
CA TYR A 16 -14.44 -1.34 0.74
C TYR A 16 -15.39 -0.68 -0.25
N PRO A 17 -15.98 0.46 0.10
CA PRO A 17 -16.91 1.11 -0.83
C PRO A 17 -16.13 1.79 -1.95
N ILE A 18 -16.87 2.26 -2.96
CA ILE A 18 -16.29 3.30 -3.79
C ILE A 18 -16.20 4.59 -2.96
N SER A 19 -15.00 5.16 -2.88
CA SER A 19 -14.77 6.37 -2.11
C SER A 19 -14.02 7.46 -2.89
N THR A 20 -13.36 7.12 -4.00
CA THR A 20 -12.80 8.08 -4.94
C THR A 20 -13.31 7.66 -6.33
N GLY A 21 -13.12 8.54 -7.32
CA GLY A 21 -13.46 8.20 -8.70
C GLY A 21 -12.45 7.25 -9.30
N PHE A 22 -12.36 7.14 -10.62
CA PHE A 22 -11.44 6.19 -11.22
C PHE A 22 -10.28 6.82 -11.98
N ASP A 23 -10.17 8.14 -12.01
CA ASP A 23 -9.03 8.79 -12.65
C ASP A 23 -7.75 8.43 -11.90
N PRO A 24 -6.76 7.78 -12.54
CA PRO A 24 -5.53 7.42 -11.82
C PRO A 24 -4.77 8.62 -11.25
N LEU A 25 -5.15 9.85 -11.60
CA LEU A 25 -4.52 11.02 -11.00
C LEU A 25 -4.92 11.16 -9.53
N THR A 26 -6.19 10.90 -9.21
CA THR A 26 -6.76 11.15 -7.88
C THR A 26 -7.38 9.92 -7.23
N SER A 27 -7.41 8.78 -7.89
CA SER A 27 -8.10 7.61 -7.39
C SER A 27 -7.20 6.90 -6.38
N SER A 28 -7.45 7.13 -5.10
CA SER A 28 -6.68 6.48 -4.07
C SER A 28 -7.47 5.46 -3.24
N GLY A 29 -8.78 5.37 -3.43
CA GLY A 29 -9.55 4.39 -2.65
C GLY A 29 -9.23 2.96 -3.07
N ALA A 30 -9.25 2.04 -2.07
CA ALA A 30 -8.88 0.65 -2.31
C ALA A 30 -9.64 0.03 -3.49
N SER A 31 -10.96 0.22 -3.53
CA SER A 31 -11.73 -0.39 -4.60
C SER A 31 -11.38 0.22 -5.96
N SER A 32 -11.07 1.51 -5.98
CA SER A 32 -10.79 2.20 -7.24
C SER A 32 -9.41 1.83 -7.78
N MET A 33 -8.40 1.77 -6.92
CA MET A 33 -7.08 1.35 -7.39
C MET A 33 -7.11 -0.10 -7.86
N ALA A 34 -7.90 -0.96 -7.21
CA ALA A 34 -8.00 -2.35 -7.64
C ALA A 34 -8.69 -2.44 -9.00
N ALA A 35 -9.77 -1.67 -9.19
CA ALA A 35 -10.40 -1.58 -10.50
C ALA A 35 -9.40 -1.13 -11.55
N ASN A 36 -8.57 -0.13 -11.23
CA ASN A 36 -7.69 0.47 -12.23
C ASN A 36 -6.54 -0.42 -12.62
N LEU A 37 -6.20 -1.43 -11.80
CA LEU A 37 -5.25 -2.46 -12.23
C LEU A 37 -5.74 -3.19 -13.48
N HIS A 38 -7.04 -3.29 -13.65
CA HIS A 38 -7.62 -3.98 -14.79
C HIS A 38 -7.88 -3.04 -15.96
N ILE A 39 -8.13 -1.76 -15.69
CA ILE A 39 -8.51 -0.79 -16.71
C ILE A 39 -7.30 -0.09 -17.32
N PHE A 40 -6.29 0.23 -16.53
CA PHE A 40 -5.19 1.05 -16.98
C PHE A 40 -3.90 0.23 -17.03
N GLU A 41 -2.93 0.79 -17.72
CA GLU A 41 -1.59 0.23 -17.76
C GLU A 41 -0.60 1.36 -17.55
N GLY A 42 0.52 1.04 -16.90
CA GLY A 42 1.68 1.89 -16.97
C GLY A 42 2.62 1.43 -18.06
N LEU A 43 3.76 2.11 -18.17
CA LEU A 43 4.76 1.62 -19.11
C LEU A 43 5.33 0.30 -18.65
N VAL A 44 5.49 0.16 -17.34
CA VAL A 44 5.82 -1.11 -16.68
C VAL A 44 4.87 -1.21 -15.48
N ASP A 45 4.27 -2.37 -15.29
CA ASP A 45 3.37 -2.55 -14.16
C ASP A 45 3.97 -3.53 -13.16
N LEU A 46 3.51 -3.41 -11.92
CA LEU A 46 3.88 -4.32 -10.84
C LEU A 46 2.81 -5.37 -10.71
N HIS A 47 3.20 -6.61 -10.84
CA HIS A 47 2.24 -7.68 -10.66
C HIS A 47 1.54 -7.55 -9.30
N PRO A 48 0.22 -7.60 -9.26
CA PRO A 48 -0.50 -7.38 -8.00
C PRO A 48 -0.18 -8.42 -6.94
N VAL A 49 0.20 -9.64 -7.34
CA VAL A 49 0.43 -10.69 -6.36
C VAL A 49 1.90 -10.70 -5.95
N THR A 50 2.80 -10.82 -6.93
CA THR A 50 4.23 -10.93 -6.65
C THR A 50 4.92 -9.58 -6.45
N ARG A 51 4.33 -8.49 -6.96
CA ARG A 51 4.90 -7.14 -6.96
C ARG A 51 6.16 -7.02 -7.82
N GLN A 52 6.38 -7.94 -8.77
CA GLN A 52 7.54 -7.80 -9.66
C GLN A 52 7.16 -7.04 -10.93
N PRO A 53 8.07 -6.25 -11.50
CA PRO A 53 7.76 -5.52 -12.74
C PRO A 53 7.48 -6.45 -13.90
N TYR A 54 6.55 -6.02 -14.77
CA TYR A 54 6.38 -6.64 -16.08
C TYR A 54 6.09 -5.57 -17.13
N LEU A 55 6.45 -5.87 -18.37
CA LEU A 55 6.24 -4.92 -19.45
C LEU A 55 4.75 -4.79 -19.75
N ALA A 56 4.24 -3.56 -19.69
CA ALA A 56 2.86 -3.30 -20.01
C ALA A 56 2.87 -2.49 -21.30
N LEU A 57 2.80 -1.15 -21.25
CA LEU A 57 2.79 -0.40 -22.51
C LEU A 57 4.17 -0.29 -23.14
N ALA A 58 5.24 -0.52 -22.38
CA ALA A 58 6.56 -0.56 -22.99
C ALA A 58 6.69 -1.79 -23.89
N ALA A 59 7.37 -1.61 -25.03
CA ALA A 59 7.57 -2.70 -25.98
C ALA A 59 8.78 -3.55 -25.62
N LYS A 60 9.66 -3.04 -24.77
CA LYS A 60 10.94 -3.64 -24.39
C LYS A 60 11.42 -2.88 -23.17
N GLU A 61 12.45 -3.42 -22.52
CA GLU A 61 12.92 -2.85 -21.28
C GLU A 61 13.50 -1.45 -21.54
N PRO A 62 13.36 -0.53 -20.57
CA PRO A 62 13.98 0.80 -20.70
C PRO A 62 15.43 0.79 -21.18
N GLU A 63 15.69 1.43 -22.31
CA GLU A 63 17.05 1.71 -22.77
C GLU A 63 17.64 2.80 -21.89
N GLN A 64 18.46 2.42 -20.91
CA GLN A 64 19.21 3.37 -20.11
C GLN A 64 20.37 3.86 -20.97
N LYS A 65 20.18 5.00 -21.63
CA LYS A 65 21.15 5.47 -22.63
C LYS A 65 22.48 5.82 -21.99
N ASP A 66 22.45 6.77 -21.05
CA ASP A 66 23.53 6.99 -20.10
C ASP A 66 22.97 6.73 -18.71
N ASP A 67 23.71 7.17 -17.67
CA ASP A 67 23.27 6.88 -16.31
C ASP A 67 21.99 7.65 -15.95
N LEU A 68 21.52 8.52 -16.84
CA LEU A 68 20.54 9.53 -16.45
C LEU A 68 19.40 9.76 -17.45
N THR A 69 19.44 9.18 -18.64
CA THR A 69 18.33 9.27 -19.58
C THR A 69 17.90 7.86 -19.98
N TYR A 70 16.61 7.60 -19.84
CA TYR A 70 16.03 6.33 -20.26
C TYR A 70 15.15 6.53 -21.48
N TYR A 71 15.29 5.63 -22.45
CA TYR A 71 14.42 5.62 -23.60
C TYR A 71 13.44 4.46 -23.43
N ILE A 72 12.16 4.72 -23.64
CA ILE A 72 11.15 3.67 -23.62
C ILE A 72 10.36 3.74 -24.92
N SER A 73 10.11 2.58 -25.52
CA SER A 73 9.36 2.43 -26.75
C SER A 73 7.98 1.87 -26.46
N LEU A 74 6.98 2.36 -27.18
CA LEU A 74 5.61 1.93 -26.95
C LEU A 74 5.29 0.65 -27.70
N ARG A 75 4.48 -0.20 -27.07
CA ARG A 75 4.00 -1.44 -27.68
C ARG A 75 3.22 -1.14 -28.95
N GLU A 76 3.69 -1.64 -30.08
CA GLU A 76 3.00 -1.36 -31.34
C GLU A 76 1.61 -1.98 -31.30
N GLY A 77 0.63 -1.23 -31.80
CA GLY A 77 -0.73 -1.68 -31.82
C GLY A 77 -1.56 -1.31 -30.60
N ALA A 78 -0.93 -0.79 -29.55
CA ALA A 78 -1.65 -0.50 -28.32
C ALA A 78 -2.67 0.60 -28.55
N MET A 79 -3.90 0.36 -28.08
CA MET A 79 -5.01 1.28 -28.23
C MET A 79 -5.74 1.47 -26.92
N PHE A 80 -6.31 2.66 -26.74
CA PHE A 80 -7.24 2.90 -25.64
C PHE A 80 -8.59 2.30 -25.99
N HIS A 81 -9.48 2.31 -25.00
CA HIS A 81 -10.70 1.50 -25.08
C HIS A 81 -11.70 2.06 -26.08
N ASP A 82 -11.61 3.35 -26.39
CA ASP A 82 -12.45 3.96 -27.41
C ASP A 82 -11.93 3.73 -28.81
N GLY A 83 -10.85 2.96 -28.97
CA GLY A 83 -10.32 2.59 -30.28
C GLY A 83 -9.12 3.39 -30.73
N SER A 84 -8.90 4.56 -30.15
CA SER A 84 -7.79 5.41 -30.56
C SER A 84 -6.46 4.76 -30.17
N PRO A 85 -5.35 5.19 -30.78
CA PRO A 85 -4.06 4.62 -30.43
C PRO A 85 -3.40 5.32 -29.25
N VAL A 86 -2.81 4.52 -28.36
CA VAL A 86 -1.97 5.04 -27.28
C VAL A 86 -0.73 5.65 -27.91
N THR A 87 -0.58 6.98 -27.83
CA THR A 87 0.54 7.65 -28.48
C THR A 87 1.53 8.17 -27.43
N THR A 88 2.72 8.55 -27.90
CA THR A 88 3.71 9.09 -26.98
C THR A 88 3.30 10.44 -26.40
N GLU A 89 2.38 11.15 -27.06
CA GLU A 89 1.82 12.36 -26.47
C GLU A 89 0.99 12.05 -25.22
N ASP A 90 0.28 10.92 -25.21
CA ASP A 90 -0.48 10.52 -24.03
C ASP A 90 0.44 10.15 -22.89
N VAL A 91 1.55 9.51 -23.20
CA VAL A 91 2.52 9.14 -22.17
C VAL A 91 3.06 10.40 -21.49
N VAL A 92 3.56 11.33 -22.29
CA VAL A 92 4.07 12.59 -21.77
C VAL A 92 3.01 13.28 -20.91
N TYR A 93 1.79 13.38 -21.44
CA TYR A 93 0.70 14.04 -20.72
C TYR A 93 0.43 13.37 -19.37
N SER A 94 0.40 12.04 -19.34
CA SER A 94 0.11 11.31 -18.10
C SER A 94 1.13 11.63 -17.02
N PHE A 95 2.41 11.65 -17.37
CA PHE A 95 3.43 12.03 -16.41
C PHE A 95 3.34 13.51 -16.06
N GLU A 96 3.01 14.37 -17.04
CA GLU A 96 3.03 15.80 -16.76
C GLU A 96 1.92 16.20 -15.81
N ARG A 97 0.74 15.62 -15.96
CA ARG A 97 -0.36 16.00 -15.08
C ARG A 97 -0.12 15.51 -13.66
N VAL A 98 0.43 14.31 -13.48
CA VAL A 98 0.80 13.87 -12.14
C VAL A 98 1.90 14.76 -11.58
N LEU A 99 2.84 15.17 -12.42
CA LEU A 99 3.93 16.04 -11.98
C LEU A 99 3.49 17.51 -11.83
N ASP A 100 2.26 17.86 -12.24
CA ASP A 100 1.81 19.24 -12.19
C ASP A 100 1.25 19.57 -10.81
N PRO A 101 1.87 20.46 -10.03
CA PRO A 101 1.39 20.74 -8.67
C PRO A 101 -0.05 21.25 -8.61
N ALA A 102 -0.53 21.94 -9.65
CA ALA A 102 -1.91 22.43 -9.65
C ALA A 102 -2.92 21.31 -9.37
N LYS A 103 -2.73 20.14 -9.99
CA LYS A 103 -3.63 19.00 -9.86
C LYS A 103 -3.51 18.29 -8.51
N ALA A 104 -2.46 18.58 -7.73
CA ALA A 104 -2.29 18.10 -6.35
C ALA A 104 -2.67 16.62 -6.19
N SER A 105 -2.20 15.79 -7.13
CA SER A 105 -2.37 14.35 -7.01
C SER A 105 -1.43 13.78 -5.94
N LEU A 106 -1.88 12.70 -5.32
CA LEU A 106 -1.05 12.02 -4.31
C LEU A 106 0.20 11.43 -4.92
N PHE A 107 0.11 10.93 -6.16
CA PHE A 107 1.14 10.11 -6.76
C PHE A 107 2.33 10.89 -7.24
N ALA A 108 2.31 12.22 -7.15
CA ALA A 108 3.47 13.00 -7.54
C ALA A 108 4.65 12.70 -6.62
N GLN A 109 4.38 12.44 -5.34
CA GLN A 109 5.44 12.19 -4.37
C GLN A 109 6.26 10.92 -4.67
N PHE A 110 5.76 10.00 -5.49
CA PHE A 110 6.54 8.80 -5.79
C PHE A 110 7.53 8.97 -6.93
N ILE A 111 7.39 10.03 -7.74
CA ILE A 111 8.29 10.21 -8.87
C ILE A 111 8.89 11.62 -8.90
N PRO A 112 9.73 12.01 -7.89
CA PRO A 112 10.31 13.37 -7.89
C PRO A 112 11.72 13.45 -8.49
N PHE A 113 12.31 12.31 -8.79
CA PHE A 113 13.61 12.23 -9.47
C PHE A 113 13.53 12.52 -10.96
N ILE A 114 12.32 12.66 -11.51
CA ILE A 114 12.11 12.83 -12.93
C ILE A 114 12.16 14.32 -13.25
N ALA A 115 13.14 14.72 -14.06
CA ALA A 115 13.22 16.11 -14.51
C ALA A 115 12.21 16.39 -15.63
N SER A 116 12.27 15.60 -16.70
CA SER A 116 11.40 15.85 -17.85
C SER A 116 11.06 14.55 -18.56
N VAL A 117 9.88 14.56 -19.18
CA VAL A 117 9.36 13.47 -20.02
C VAL A 117 8.95 14.08 -21.35
N THR A 118 9.59 13.66 -22.44
CA THR A 118 9.34 14.27 -23.74
C THR A 118 9.25 13.20 -24.82
N ALA A 119 8.38 13.43 -25.81
CA ALA A 119 8.22 12.49 -26.91
C ALA A 119 9.36 12.68 -27.91
N LEU A 120 10.24 11.68 -28.02
CA LEU A 120 11.26 11.70 -29.06
C LEU A 120 10.63 11.57 -30.45
N ASP A 121 9.84 10.52 -30.67
CA ASP A 121 9.03 10.45 -31.89
C ASP A 121 7.66 9.88 -31.57
N ASP A 122 7.03 9.24 -32.55
CA ASP A 122 5.71 8.66 -32.36
C ASP A 122 5.74 7.37 -31.55
N ASN A 123 6.92 6.80 -31.29
CA ASN A 123 7.01 5.51 -30.60
C ASN A 123 7.93 5.52 -29.38
N VAL A 124 8.87 6.46 -29.27
CA VAL A 124 9.89 6.46 -28.22
C VAL A 124 9.71 7.69 -27.34
N VAL A 125 9.68 7.48 -26.02
CA VAL A 125 9.59 8.55 -25.04
C VAL A 125 10.90 8.66 -24.28
N GLU A 126 11.34 9.88 -24.01
CA GLU A 126 12.59 10.10 -23.29
C GLU A 126 12.32 10.59 -21.87
N PHE A 127 13.02 10.01 -20.91
CA PHE A 127 12.94 10.40 -19.51
C PHE A 127 14.29 10.99 -19.11
N LYS A 128 14.28 12.23 -18.66
CA LYS A 128 15.49 12.81 -18.11
C LYS A 128 15.32 12.97 -16.61
N LEU A 129 16.25 12.40 -15.86
CA LEU A 129 16.18 12.43 -14.40
C LEU A 129 17.18 13.43 -13.85
N LYS A 130 16.76 14.17 -12.83
CA LYS A 130 17.68 14.96 -12.02
C LYS A 130 18.85 14.09 -11.57
N TYR A 131 18.66 13.34 -10.52
CA TYR A 131 19.72 12.50 -10.02
C TYR A 131 19.57 11.08 -10.54
N PRO A 132 20.66 10.29 -10.58
CA PRO A 132 20.51 8.88 -10.95
C PRO A 132 19.61 8.16 -9.94
N PHE A 133 18.98 7.08 -10.38
CA PHE A 133 17.94 6.44 -9.57
C PHE A 133 17.76 5.03 -10.10
N ALA A 134 18.12 4.03 -9.29
CA ALA A 134 18.17 2.65 -9.76
C ALA A 134 16.83 1.93 -9.69
N LEU A 135 15.83 2.50 -9.02
CA LEU A 135 14.48 1.96 -8.97
C LEU A 135 13.55 2.61 -10.01
N PHE A 136 14.10 3.13 -11.11
CA PHE A 136 13.29 3.86 -12.08
C PHE A 136 12.20 2.96 -12.67
N LYS A 137 12.58 1.78 -13.16
CA LYS A 137 11.63 0.84 -13.74
C LYS A 137 10.49 0.54 -12.76
N GLU A 138 10.81 0.38 -11.48
CA GLU A 138 9.79 0.01 -10.49
C GLU A 138 8.74 1.11 -10.28
N ARG A 139 9.10 2.39 -10.47
CA ARG A 139 8.15 3.46 -10.22
C ARG A 139 7.20 3.70 -11.39
N LEU A 140 7.52 3.20 -12.59
CA LEU A 140 6.67 3.43 -13.74
C LEU A 140 5.24 2.97 -13.51
N THR A 141 5.05 1.98 -12.63
CA THR A 141 3.72 1.42 -12.43
C THR A 141 2.76 2.41 -11.77
N ILE A 142 3.29 3.40 -11.06
CA ILE A 142 2.42 4.37 -10.40
C ILE A 142 1.73 5.30 -11.41
N ILE A 143 2.33 5.51 -12.58
CA ILE A 143 1.81 6.44 -13.58
C ILE A 143 1.04 5.64 -14.64
N LYS A 144 -0.28 5.56 -14.47
CA LYS A 144 -1.14 4.96 -15.48
C LYS A 144 -1.19 5.88 -16.70
N ILE A 145 -1.28 5.27 -17.89
CA ILE A 145 -1.31 6.06 -19.11
C ILE A 145 -2.75 6.36 -19.46
N VAL A 146 -3.09 7.63 -19.48
CA VAL A 146 -4.48 8.04 -19.70
C VAL A 146 -4.58 8.63 -21.11
N PRO A 147 -5.74 8.52 -21.78
CA PRO A 147 -5.91 9.12 -23.11
C PRO A 147 -6.22 10.60 -23.01
N LYS A 148 -5.29 11.43 -23.49
CA LYS A 148 -5.37 12.88 -23.29
C LYS A 148 -6.58 13.49 -23.98
N HIS A 149 -6.88 13.05 -25.20
CA HIS A 149 -8.04 13.62 -25.89
C HIS A 149 -9.33 13.35 -25.13
N ILE A 150 -9.41 12.23 -24.40
CA ILE A 150 -10.59 11.94 -23.60
C ILE A 150 -10.55 12.72 -22.28
N VAL A 151 -9.37 12.84 -21.66
CA VAL A 151 -9.30 13.52 -20.36
C VAL A 151 -9.62 15.00 -20.50
N GLU A 152 -9.04 15.66 -21.50
CA GLU A 152 -9.23 17.11 -21.58
C GLU A 152 -10.57 17.50 -22.19
N ALA A 153 -11.38 16.53 -22.62
CA ALA A 153 -12.79 16.75 -22.93
C ALA A 153 -13.66 16.78 -21.67
N GLY A 154 -13.07 16.79 -20.47
CA GLY A 154 -13.85 16.69 -19.26
C GLY A 154 -13.22 15.73 -18.26
N GLN A 155 -12.46 16.28 -17.31
CA GLN A 155 -11.69 15.44 -16.40
C GLN A 155 -12.60 14.74 -15.40
N SER A 156 -13.65 15.43 -14.96
CA SER A 156 -14.61 14.84 -14.03
C SER A 156 -15.39 13.72 -14.69
N ALA A 157 -15.73 13.89 -15.98
CA ALA A 157 -16.42 12.83 -16.70
C ALA A 157 -15.53 11.61 -16.85
N PHE A 158 -14.29 11.81 -17.28
CA PHE A 158 -13.30 10.74 -17.34
C PHE A 158 -13.21 10.00 -16.01
N ASP A 159 -13.16 10.75 -14.90
CA ASP A 159 -13.12 10.18 -13.56
C ASP A 159 -14.26 9.19 -13.32
N ALA A 160 -15.47 9.51 -13.78
CA ALA A 160 -16.63 8.65 -13.59
C ALA A 160 -16.73 7.54 -14.62
N LYS A 161 -16.05 7.66 -15.75
CA LYS A 161 -16.08 6.63 -16.81
C LYS A 161 -14.69 6.54 -17.41
N PRO A 162 -13.79 5.80 -16.75
CA PRO A 162 -12.39 5.82 -17.18
C PRO A 162 -12.16 5.01 -18.44
N ILE A 163 -11.34 5.57 -19.32
CA ILE A 163 -10.90 4.88 -20.53
C ILE A 163 -9.41 4.63 -20.39
N GLY A 164 -9.03 3.35 -20.42
CA GLY A 164 -7.63 2.99 -20.36
C GLY A 164 -7.27 2.07 -21.50
N SER A 165 -6.11 1.43 -21.39
CA SER A 165 -5.69 0.40 -22.34
C SER A 165 -5.55 -0.98 -21.72
N GLY A 166 -5.90 -1.15 -20.45
CA GLY A 166 -5.82 -2.44 -19.80
C GLY A 166 -6.72 -3.51 -20.42
N PRO A 167 -6.61 -4.75 -19.93
CA PRO A 167 -7.39 -5.85 -20.52
C PRO A 167 -8.88 -5.83 -20.20
N TYR A 168 -9.33 -5.04 -19.23
CA TYR A 168 -10.76 -4.91 -18.96
C TYR A 168 -11.18 -3.47 -19.17
N LYS A 169 -12.32 -3.27 -19.83
CA LYS A 169 -12.91 -1.94 -19.99
C LYS A 169 -14.00 -1.72 -18.94
N PHE A 170 -14.10 -0.47 -18.49
CA PHE A 170 -15.14 -0.02 -17.58
C PHE A 170 -16.49 0.01 -18.28
N VAL A 171 -17.49 -0.60 -17.67
CA VAL A 171 -18.87 -0.49 -18.13
C VAL A 171 -19.61 0.52 -17.27
N SER A 172 -19.66 0.29 -15.96
CA SER A 172 -20.52 1.09 -15.09
C SER A 172 -20.11 0.83 -13.64
N ALA A 173 -20.46 1.79 -12.79
CA ALA A 173 -20.18 1.72 -11.36
C ALA A 173 -21.26 2.48 -10.59
N THR A 174 -21.86 1.81 -9.60
CA THR A 174 -22.90 2.40 -8.77
C THR A 174 -22.48 2.33 -7.31
N LYS A 175 -22.60 3.44 -6.58
CA LYS A 175 -22.22 3.45 -5.18
C LYS A 175 -23.02 2.40 -4.39
N ASP A 176 -22.33 1.71 -3.48
CA ASP A 176 -22.88 0.64 -2.64
C ASP A 176 -23.57 -0.45 -3.45
N ASP A 177 -23.06 -0.72 -4.65
CA ASP A 177 -23.80 -1.62 -5.52
C ASP A 177 -22.87 -2.55 -6.30
N ARG A 178 -22.29 -2.05 -7.38
CA ARG A 178 -21.44 -2.90 -8.21
C ARG A 178 -20.54 -2.03 -9.08
N ILE A 179 -19.49 -2.67 -9.58
CA ILE A 179 -18.62 -2.16 -10.63
C ILE A 179 -18.56 -3.25 -11.70
N VAL A 180 -18.84 -2.88 -12.95
CA VAL A 180 -18.96 -3.84 -14.04
C VAL A 180 -17.86 -3.58 -15.07
N PHE A 181 -17.18 -4.64 -15.48
CA PHE A 181 -16.12 -4.63 -16.47
C PHE A 181 -16.54 -5.50 -17.63
N GLU A 182 -15.88 -5.32 -18.76
CA GLU A 182 -15.96 -6.30 -19.82
C GLU A 182 -14.61 -6.39 -20.53
N ALA A 183 -14.37 -7.53 -21.19
CA ALA A 183 -13.11 -7.77 -21.86
C ALA A 183 -12.78 -6.68 -22.87
N ASN A 184 -11.49 -6.36 -22.99
CA ASN A 184 -10.99 -5.47 -24.03
C ASN A 184 -10.43 -6.34 -25.15
N THR A 185 -11.20 -6.54 -26.23
CA THR A 185 -10.79 -7.51 -27.25
C THR A 185 -9.55 -7.06 -28.03
N VAL A 186 -9.25 -5.76 -28.11
CA VAL A 186 -8.10 -5.27 -28.85
C VAL A 186 -6.85 -5.16 -27.97
N TYR A 187 -6.89 -5.72 -26.78
CA TYR A 187 -5.70 -5.71 -25.93
C TYR A 187 -4.65 -6.66 -26.48
N ASN A 188 -3.41 -6.17 -26.63
CA ASN A 188 -2.31 -7.00 -27.11
C ASN A 188 -1.14 -7.03 -26.12
N GLY A 189 -1.44 -6.97 -24.83
CA GLY A 189 -0.43 -7.14 -23.80
C GLY A 189 -0.42 -8.54 -23.24
N HIS A 190 0.24 -8.69 -22.10
CA HIS A 190 0.60 -10.00 -21.59
C HIS A 190 -0.44 -10.64 -20.69
N TYR A 191 -1.45 -9.89 -20.25
CA TYR A 191 -2.47 -10.41 -19.34
C TYR A 191 -3.86 -10.19 -19.93
N PRO A 192 -4.19 -10.85 -21.05
CA PRO A 192 -5.51 -10.63 -21.69
C PRO A 192 -6.65 -11.08 -20.79
N ALA A 193 -7.81 -10.46 -21.00
CA ALA A 193 -9.01 -10.87 -20.30
C ALA A 193 -9.33 -12.34 -20.59
N LYS A 194 -9.52 -13.13 -19.53
CA LYS A 194 -9.91 -14.52 -19.68
C LYS A 194 -11.40 -14.73 -19.44
N VAL A 195 -12.14 -13.66 -19.11
CA VAL A 195 -13.60 -13.70 -19.06
C VAL A 195 -14.12 -12.46 -19.78
N GLU A 196 -15.36 -12.55 -20.24
CA GLU A 196 -15.88 -11.47 -21.07
C GLU A 196 -16.65 -10.43 -20.28
N LYS A 197 -17.08 -10.76 -19.08
CA LYS A 197 -17.72 -9.80 -18.18
C LYS A 197 -17.31 -10.11 -16.75
N MET A 198 -17.23 -9.06 -15.94
CA MET A 198 -16.76 -9.16 -14.56
C MET A 198 -17.53 -8.16 -13.71
N THR A 199 -18.08 -8.62 -12.60
CA THR A 199 -18.83 -7.74 -11.70
C THR A 199 -18.31 -7.85 -10.28
N TRP A 200 -17.94 -6.72 -9.71
CA TRP A 200 -17.59 -6.63 -8.30
C TRP A 200 -18.79 -6.07 -7.56
N PHE A 201 -19.40 -6.86 -6.70
CA PHE A 201 -20.43 -6.37 -5.81
C PHE A 201 -19.82 -5.83 -4.52
N LEU A 202 -20.20 -4.62 -4.13
CA LEU A 202 -19.80 -4.07 -2.83
C LEU A 202 -20.66 -4.74 -1.77
N LEU A 203 -20.03 -5.53 -0.92
CA LEU A 203 -20.69 -6.19 0.19
C LEU A 203 -20.01 -5.72 1.48
N SER A 204 -20.31 -4.48 1.87
CA SER A 204 -19.74 -3.91 3.09
C SER A 204 -20.10 -4.76 4.31
N ASP A 205 -21.35 -5.21 4.41
CA ASP A 205 -21.74 -6.03 5.55
C ASP A 205 -21.00 -7.37 5.52
N ASP A 206 -20.27 -7.66 6.61
CA ASP A 206 -19.48 -8.88 6.72
C ASP A 206 -20.32 -10.13 6.53
N ALA A 207 -21.49 -10.18 7.18
CA ALA A 207 -22.30 -11.39 7.09
C ALA A 207 -22.84 -11.57 5.68
N ALA A 208 -23.21 -10.47 5.02
CA ALA A 208 -23.65 -10.53 3.63
C ALA A 208 -22.54 -10.99 2.71
N ARG A 209 -21.29 -10.58 3.00
CA ARG A 209 -20.17 -10.93 2.13
C ARG A 209 -19.84 -12.42 2.24
N VAL A 210 -19.77 -12.93 3.45
CA VAL A 210 -19.52 -14.36 3.64
C VAL A 210 -20.64 -15.18 3.04
N THR A 211 -21.88 -14.75 3.28
CA THR A 211 -23.04 -15.39 2.65
C THR A 211 -22.90 -15.45 1.13
N ALA A 212 -22.45 -14.37 0.52
CA ALA A 212 -22.31 -14.36 -0.93
C ALA A 212 -21.35 -15.44 -1.40
N GLN A 213 -20.26 -15.64 -0.66
CA GLN A 213 -19.31 -16.68 -1.03
C GLN A 213 -19.90 -18.07 -0.76
N GLU A 214 -20.51 -18.26 0.40
CA GLU A 214 -21.04 -19.57 0.78
C GLU A 214 -22.11 -20.04 -0.21
N SER A 215 -22.95 -19.12 -0.67
CA SER A 215 -24.05 -19.50 -1.55
C SER A 215 -23.62 -19.71 -2.99
N GLY A 216 -22.36 -19.43 -3.32
CA GLY A 216 -21.97 -19.44 -4.72
C GLY A 216 -22.44 -18.23 -5.49
N ARG A 217 -22.90 -17.18 -4.80
CA ARG A 217 -23.27 -15.93 -5.46
C ARG A 217 -22.07 -15.26 -6.13
N VAL A 218 -20.90 -15.27 -5.46
CA VAL A 218 -19.67 -14.75 -6.02
C VAL A 218 -18.64 -15.88 -5.93
N GLN A 219 -17.60 -15.79 -6.75
CA GLN A 219 -16.57 -16.80 -6.71
C GLN A 219 -15.41 -16.45 -5.80
N ALA A 220 -15.30 -15.19 -5.36
CA ALA A 220 -14.20 -14.74 -4.53
C ALA A 220 -14.67 -13.56 -3.66
N ILE A 221 -14.12 -13.47 -2.45
CA ILE A 221 -14.41 -12.34 -1.58
C ILE A 221 -13.12 -11.87 -0.93
N GLU A 222 -12.98 -10.55 -0.82
CA GLU A 222 -11.88 -9.96 -0.06
C GLU A 222 -12.30 -9.77 1.39
N SER A 223 -11.30 -9.57 2.25
CA SER A 223 -11.51 -9.24 3.66
C SER A 223 -12.45 -10.24 4.37
N VAL A 224 -12.04 -11.50 4.35
CA VAL A 224 -12.82 -12.52 5.08
C VAL A 224 -12.78 -12.21 6.58
N PRO A 225 -13.93 -12.17 7.27
CA PRO A 225 -13.90 -12.08 8.74
C PRO A 225 -13.13 -13.25 9.32
N TYR A 226 -12.31 -12.95 10.33
CA TYR A 226 -11.37 -13.94 10.86
C TYR A 226 -12.08 -15.20 11.32
N LEU A 227 -13.18 -15.05 12.06
CA LEU A 227 -13.84 -16.21 12.63
C LEU A 227 -14.45 -17.11 11.55
N ASP A 228 -14.93 -16.54 10.45
CA ASP A 228 -15.61 -17.33 9.43
C ASP A 228 -14.66 -18.05 8.51
N ALA A 229 -13.35 -17.86 8.68
CA ALA A 229 -12.40 -18.44 7.74
C ALA A 229 -12.51 -19.96 7.69
N GLU A 230 -12.78 -20.61 8.81
CA GLU A 230 -12.73 -22.06 8.76
C GLU A 230 -14.01 -22.67 8.18
N ARG A 231 -15.18 -22.08 8.42
CA ARG A 231 -16.38 -22.58 7.79
C ARG A 231 -16.30 -22.44 6.27
N LEU A 232 -15.67 -21.35 5.79
CA LEU A 232 -15.44 -21.17 4.37
C LEU A 232 -14.41 -22.16 3.81
N LYS A 233 -13.54 -22.68 4.67
CA LYS A 233 -12.55 -23.68 4.26
C LYS A 233 -13.15 -25.03 3.88
N ARG A 234 -14.40 -25.31 4.25
CA ARG A 234 -15.00 -26.57 3.84
C ARG A 234 -15.18 -26.62 2.32
N LYS A 235 -15.60 -25.51 1.70
CA LYS A 235 -15.86 -25.50 0.27
C LYS A 235 -15.01 -24.51 -0.51
N ASN A 236 -14.16 -23.72 0.14
CA ASN A 236 -13.41 -22.68 -0.55
C ASN A 236 -11.97 -22.70 -0.08
N ASN A 237 -11.08 -22.18 -0.94
CA ASN A 237 -9.76 -21.79 -0.48
C ASN A 237 -9.88 -20.51 0.33
N VAL A 238 -9.19 -20.47 1.46
CA VAL A 238 -9.09 -19.28 2.29
C VAL A 238 -7.63 -19.14 2.65
N GLU A 239 -7.03 -18.01 2.29
CA GLU A 239 -5.62 -17.81 2.51
C GLU A 239 -5.42 -16.46 3.17
N SER A 240 -4.59 -16.43 4.20
CA SER A 240 -4.26 -15.21 4.89
C SER A 240 -2.86 -14.81 4.45
N VAL A 241 -2.76 -13.77 3.64
CA VAL A 241 -1.50 -13.37 3.01
C VAL A 241 -0.86 -12.27 3.85
N GLN A 242 0.41 -12.43 4.16
CA GLN A 242 1.16 -11.44 4.92
C GLN A 242 1.23 -10.12 4.14
N SER A 243 0.75 -9.05 4.75
CA SER A 243 0.81 -7.71 4.18
C SER A 243 1.86 -6.87 4.90
N PHE A 244 2.43 -5.90 4.17
CA PHE A 244 3.15 -4.82 4.82
C PHE A 244 2.25 -4.01 5.72
N GLY A 245 0.94 -3.99 5.42
CA GLY A 245 0.01 -3.19 6.19
C GLY A 245 0.16 -3.43 7.67
N LEU A 246 0.32 -2.38 8.47
CA LEU A 246 0.76 -2.55 9.84
C LEU A 246 -0.01 -1.62 10.77
N LEU A 247 0.12 -1.91 12.05
CA LEU A 247 -0.25 -1.03 13.14
C LEU A 247 1.05 -0.42 13.65
N PHE A 248 1.16 0.91 13.65
CA PHE A 248 2.40 1.50 14.13
C PHE A 248 2.18 2.24 15.44
N LEU A 249 3.27 2.36 16.17
CA LEU A 249 3.33 3.11 17.41
C LEU A 249 4.15 4.35 17.10
N MET A 250 3.53 5.52 17.15
CA MET A 250 4.20 6.78 16.85
C MET A 250 4.32 7.64 18.10
N PHE A 251 5.49 8.22 18.29
CA PHE A 251 5.77 9.02 19.49
C PHE A 251 6.04 10.46 19.08
N ASN A 252 5.47 11.38 19.85
CA ASN A 252 5.87 12.79 19.74
C ASN A 252 7.23 12.92 20.38
N CYS A 253 8.26 12.86 19.57
CA CYS A 253 9.62 12.76 20.07
C CYS A 253 10.18 14.09 20.57
N GLU A 254 9.37 15.13 20.62
CA GLU A 254 9.76 16.39 21.20
C GLU A 254 9.03 16.66 22.52
N LYS A 255 8.22 15.71 22.98
CA LYS A 255 7.54 15.82 24.26
C LYS A 255 8.23 14.90 25.27
N ALA A 256 8.74 15.49 26.35
CA ALA A 256 9.33 14.71 27.41
C ALA A 256 8.25 13.81 28.03
N PRO A 257 8.58 12.56 28.41
CA PRO A 257 9.89 11.90 28.31
C PRO A 257 10.09 11.06 27.04
N PHE A 258 9.20 11.20 26.06
CA PHE A 258 9.28 10.41 24.82
C PHE A 258 10.40 10.88 23.90
N ASP A 259 11.12 11.94 24.26
CA ASP A 259 12.36 12.20 23.55
C ASP A 259 13.45 11.21 23.93
N ASN A 260 13.24 10.41 24.98
CA ASN A 260 14.23 9.43 25.40
C ASN A 260 13.99 8.11 24.68
N PRO A 261 14.90 7.67 23.81
CA PRO A 261 14.72 6.36 23.15
C PRO A 261 14.39 5.22 24.11
N LYS A 262 14.96 5.21 25.33
CA LYS A 262 14.72 4.09 26.25
C LYS A 262 13.27 4.01 26.68
N VAL A 263 12.60 5.15 26.84
CA VAL A 263 11.17 5.13 27.13
C VAL A 263 10.39 4.55 25.95
N ARG A 264 10.78 4.93 24.73
CA ARG A 264 10.11 4.42 23.55
C ARG A 264 10.36 2.93 23.41
N GLN A 265 11.59 2.47 23.68
CA GLN A 265 11.88 1.05 23.61
C GLN A 265 11.08 0.28 24.66
N ALA A 266 11.02 0.82 25.88
CA ALA A 266 10.30 0.18 26.97
C ALA A 266 8.83 -0.06 26.63
N LEU A 267 8.17 0.93 26.00
CA LEU A 267 6.75 0.74 25.67
C LEU A 267 6.56 -0.35 24.60
N HIS A 268 7.60 -0.62 23.79
CA HIS A 268 7.55 -1.77 22.89
C HIS A 268 7.73 -3.07 23.66
N TYR A 269 8.76 -3.13 24.51
CA TYR A 269 9.02 -4.33 25.31
C TYR A 269 7.81 -4.74 26.16
N ALA A 270 6.96 -3.78 26.55
CA ALA A 270 5.84 -4.04 27.46
C ALA A 270 4.64 -4.72 26.80
N LEU A 271 4.60 -4.77 25.47
CA LEU A 271 3.45 -5.29 24.72
C LEU A 271 3.61 -6.78 24.43
N ASP A 272 2.63 -7.58 24.84
CA ASP A 272 2.61 -9.02 24.51
C ASP A 272 2.02 -9.20 23.11
N LYS A 273 2.90 -9.16 22.10
CA LYS A 273 2.45 -9.22 20.71
C LYS A 273 1.73 -10.53 20.40
N GLN A 274 2.20 -11.63 20.98
CA GLN A 274 1.55 -12.92 20.72
C GLN A 274 0.11 -12.91 21.18
N LYS A 275 -0.16 -12.28 22.32
CA LYS A 275 -1.51 -12.29 22.85
C LYS A 275 -2.44 -11.35 22.10
N LEU A 276 -1.92 -10.22 21.63
CA LEU A 276 -2.68 -9.36 20.73
C LEU A 276 -3.03 -10.07 19.42
N ILE A 277 -2.08 -10.84 18.87
CA ILE A 277 -2.33 -11.57 17.62
C ILE A 277 -3.43 -12.60 17.83
N ASP A 278 -3.34 -13.37 18.91
CA ASP A 278 -4.36 -14.39 19.18
C ASP A 278 -5.73 -13.76 19.36
N ILE A 279 -5.84 -12.85 20.33
CA ILE A 279 -7.14 -12.33 20.75
C ILE A 279 -7.76 -11.50 19.64
N VAL A 280 -7.01 -10.56 19.09
CA VAL A 280 -7.60 -9.59 18.18
C VAL A 280 -7.67 -10.15 16.76
N PHE A 281 -6.60 -10.77 16.30
CA PHE A 281 -6.52 -11.11 14.88
C PHE A 281 -6.76 -12.59 14.62
N LEU A 282 -7.12 -13.34 15.67
CA LEU A 282 -7.28 -14.78 15.60
C LEU A 282 -6.16 -15.42 14.80
N GLY A 283 -4.94 -14.92 14.96
CA GLY A 283 -3.77 -15.44 14.30
C GLY A 283 -3.39 -14.72 13.03
N ASN A 284 -4.21 -13.78 12.56
CA ASN A 284 -4.03 -13.13 11.26
C ASN A 284 -3.18 -11.86 11.33
N ALA A 285 -2.00 -12.00 11.95
CA ALA A 285 -1.02 -10.93 12.03
C ALA A 285 0.32 -11.56 12.41
N LYS A 286 1.38 -10.77 12.28
CA LYS A 286 2.68 -11.20 12.80
C LYS A 286 3.36 -10.05 13.50
N ALA A 287 4.06 -10.36 14.60
CA ALA A 287 4.82 -9.33 15.31
C ALA A 287 5.93 -8.83 14.41
N ALA A 288 6.20 -7.52 14.47
CA ALA A 288 7.25 -6.96 13.63
C ALA A 288 8.61 -7.47 14.11
N THR A 289 9.40 -8.01 13.19
CA THR A 289 10.81 -8.28 13.44
C THR A 289 11.70 -7.38 12.62
N SER A 290 11.11 -6.36 12.00
CA SER A 290 11.76 -5.41 11.11
C SER A 290 10.73 -4.37 10.71
N TYR A 291 11.19 -3.36 9.96
CA TYR A 291 10.28 -2.44 9.28
C TYR A 291 9.42 -3.18 8.25
N LEU A 292 10.02 -4.13 7.54
CA LEU A 292 9.28 -4.92 6.57
C LEU A 292 8.61 -6.14 7.22
N GLN A 293 7.52 -6.57 6.61
CA GLN A 293 6.99 -7.89 6.95
C GLN A 293 7.99 -8.95 6.51
N ASP A 294 7.92 -10.13 7.16
CA ASP A 294 8.96 -11.14 6.96
C ASP A 294 8.88 -11.85 5.62
N THR A 295 7.77 -11.73 4.89
CA THR A 295 7.69 -12.29 3.55
C THR A 295 8.11 -11.30 2.47
N HIS A 296 8.55 -10.09 2.83
CA HIS A 296 9.03 -9.15 1.82
C HIS A 296 10.32 -9.68 1.23
N PRO A 297 10.51 -9.61 -0.09
CA PRO A 297 11.73 -10.16 -0.68
C PRO A 297 13.01 -9.59 -0.07
N ASP A 298 12.95 -8.38 0.46
CA ASP A 298 14.15 -7.73 0.97
C ASP A 298 14.26 -7.82 2.47
N TYR A 299 13.34 -8.52 3.12
CA TYR A 299 13.33 -8.63 4.57
C TYR A 299 14.64 -9.21 5.10
N VAL A 300 15.19 -8.53 6.10
CA VAL A 300 16.29 -9.03 6.93
C VAL A 300 15.95 -8.62 8.35
N LYS A 301 15.99 -9.58 9.27
CA LYS A 301 15.55 -9.32 10.64
C LYS A 301 16.38 -8.20 11.26
N ALA A 302 15.71 -7.26 11.91
CA ALA A 302 16.41 -6.10 12.46
C ALA A 302 17.19 -6.48 13.71
N SER A 303 18.31 -5.77 13.94
CA SER A 303 19.20 -6.05 15.07
C SER A 303 18.63 -5.61 16.41
N SER A 304 17.51 -4.88 16.44
CA SER A 304 16.75 -4.64 17.67
C SER A 304 15.43 -5.37 17.56
N GLN A 305 15.07 -6.10 18.62
CA GLN A 305 13.81 -6.84 18.70
C GLN A 305 13.10 -6.46 19.97
N TYR A 306 11.78 -6.60 19.96
CA TYR A 306 10.97 -6.11 21.06
C TYR A 306 10.04 -7.19 21.57
N ASP A 307 10.56 -8.41 21.63
CA ASP A 307 9.81 -9.55 22.18
C ASP A 307 9.34 -9.21 23.58
N TYR A 308 8.09 -9.58 23.89
CA TYR A 308 7.43 -9.23 25.16
C TYR A 308 8.34 -9.49 26.36
N ASP A 309 8.52 -8.46 27.19
CA ASP A 309 9.44 -8.56 28.31
C ASP A 309 9.20 -7.44 29.30
N LYS A 310 8.26 -7.66 30.22
CA LYS A 310 7.88 -6.64 31.18
C LYS A 310 9.07 -6.17 32.02
N ALA A 311 9.90 -7.12 32.47
CA ALA A 311 10.99 -6.76 33.37
C ALA A 311 12.03 -5.89 32.68
N LYS A 312 12.26 -6.11 31.39
CA LYS A 312 13.15 -5.20 30.67
C LYS A 312 12.49 -3.84 30.47
N ALA A 313 11.17 -3.84 30.24
CA ALA A 313 10.46 -2.57 30.09
C ALA A 313 10.57 -1.74 31.37
N GLU A 314 10.45 -2.37 32.55
CA GLU A 314 10.61 -1.65 33.81
C GLU A 314 12.04 -1.14 33.98
N LYS A 315 13.03 -1.98 33.69
CA LYS A 315 14.43 -1.61 33.86
C LYS A 315 14.80 -0.39 33.04
N LEU A 316 14.35 -0.35 31.78
CA LEU A 316 14.68 0.80 30.95
C LEU A 316 13.99 2.07 31.45
N LEU A 317 12.80 1.94 32.02
CA LEU A 317 12.12 3.12 32.56
C LEU A 317 12.85 3.65 33.78
N ALA A 318 13.31 2.76 34.66
CA ALA A 318 14.17 3.19 35.77
C ALA A 318 15.47 3.77 35.24
N GLU A 319 16.07 3.13 34.23
CA GLU A 319 17.27 3.66 33.59
C GLU A 319 17.03 5.03 32.94
N ALA A 320 15.83 5.27 32.42
CA ALA A 320 15.49 6.60 31.94
C ALA A 320 15.16 7.55 33.07
N GLY A 321 15.13 7.05 34.31
CA GLY A 321 14.80 7.86 35.46
C GLY A 321 13.33 8.24 35.54
N ILE A 322 12.43 7.34 35.18
CA ILE A 322 11.01 7.63 35.20
C ILE A 322 10.41 7.22 36.53
N THR A 323 9.89 8.20 37.27
CA THR A 323 9.15 8.04 38.51
C THR A 323 7.64 7.96 38.27
N ASN A 324 7.14 8.79 37.35
CA ASN A 324 5.71 8.83 37.07
C ASN A 324 5.57 9.22 35.60
N LEU A 325 4.93 8.35 34.83
CA LEU A 325 4.66 8.60 33.41
C LEU A 325 3.15 8.50 33.21
N THR A 326 2.51 9.66 33.02
CA THR A 326 1.07 9.76 32.85
C THR A 326 0.81 10.41 31.51
N PHE A 327 0.03 9.75 30.66
CA PHE A 327 -0.16 10.29 29.32
C PHE A 327 -1.37 9.63 28.67
N GLN A 328 -1.76 10.20 27.54
CA GLN A 328 -2.93 9.75 26.81
C GLN A 328 -2.50 9.06 25.51
N LEU A 329 -3.04 7.88 25.27
CA LEU A 329 -2.84 7.20 23.99
C LEU A 329 -3.99 7.54 23.06
N LEU A 330 -3.66 8.10 21.90
CA LEU A 330 -4.63 8.32 20.83
C LEU A 330 -4.70 7.10 19.92
N ALA A 331 -5.91 6.73 19.53
CA ALA A 331 -6.13 5.64 18.59
C ALA A 331 -7.19 6.05 17.57
N THR A 332 -7.12 5.48 16.38
CA THR A 332 -8.16 5.79 15.40
C THR A 332 -9.42 4.98 15.69
N ASP A 333 -10.40 5.14 14.81
CA ASP A 333 -11.75 4.60 14.96
C ASP A 333 -11.92 3.20 14.38
N HIS A 334 -10.94 2.70 13.63
CA HIS A 334 -11.08 1.41 12.95
C HIS A 334 -11.48 0.32 13.93
N ALA A 335 -12.39 -0.56 13.48
CA ALA A 335 -12.95 -1.55 14.39
C ALA A 335 -11.87 -2.45 14.98
N TRP A 336 -10.84 -2.77 14.19
CA TRP A 336 -9.79 -3.64 14.73
C TRP A 336 -8.79 -2.86 15.58
N VAL A 337 -8.62 -1.57 15.31
CA VAL A 337 -7.82 -0.74 16.21
C VAL A 337 -8.54 -0.56 17.55
N LYS A 338 -9.87 -0.56 17.55
CA LYS A 338 -10.63 -0.49 18.80
C LYS A 338 -10.51 -1.76 19.62
N GLU A 339 -10.12 -2.87 19.00
CA GLU A 339 -9.82 -4.07 19.78
C GLU A 339 -8.37 -4.09 20.25
N CYS A 340 -7.46 -3.54 19.44
CA CYS A 340 -6.05 -3.47 19.81
C CYS A 340 -5.87 -2.58 21.02
N ALA A 341 -6.07 -1.27 20.81
CA ALA A 341 -5.79 -0.20 21.77
C ALA A 341 -6.13 -0.52 23.22
N PRO A 342 -7.29 -1.12 23.55
CA PRO A 342 -7.49 -1.53 24.95
C PRO A 342 -6.44 -2.51 25.45
N LEU A 343 -6.06 -3.50 24.64
CA LEU A 343 -5.03 -4.45 25.06
C LEU A 343 -3.70 -3.75 25.28
N ILE A 344 -3.33 -2.85 24.37
CA ILE A 344 -2.12 -2.07 24.53
C ILE A 344 -2.18 -1.24 25.81
N LEU A 345 -3.34 -0.65 26.10
CA LEU A 345 -3.47 0.17 27.30
C LEU A 345 -3.19 -0.62 28.56
N GLU A 346 -3.89 -1.74 28.72
CA GLU A 346 -3.70 -2.54 29.92
C GLU A 346 -2.29 -3.11 30.00
N SER A 347 -1.59 -3.27 28.88
CA SER A 347 -0.19 -3.68 28.94
C SER A 347 0.67 -2.58 29.56
N TRP A 348 0.44 -1.33 29.15
CA TRP A 348 1.23 -0.21 29.66
C TRP A 348 0.84 0.14 31.09
N ASN A 349 -0.45 0.08 31.42
CA ASN A 349 -0.89 0.34 32.79
C ASN A 349 -0.45 -0.74 33.76
N ALA A 350 -0.08 -1.91 33.26
CA ALA A 350 0.53 -2.90 34.13
C ALA A 350 1.93 -2.49 34.58
N LEU A 351 2.54 -1.50 33.94
CA LEU A 351 3.84 -1.01 34.37
C LEU A 351 3.68 -0.13 35.60
N SER A 352 4.64 -0.26 36.52
CA SER A 352 4.49 0.36 37.85
C SER A 352 4.50 1.88 37.75
N VAL A 353 5.41 2.44 36.97
CA VAL A 353 5.57 3.89 36.96
C VAL A 353 4.73 4.53 35.86
N VAL A 354 3.80 3.78 35.26
CA VAL A 354 3.10 4.22 34.04
C VAL A 354 1.59 4.19 34.26
N LYS A 355 0.92 5.29 33.91
CA LYS A 355 -0.55 5.37 33.91
C LYS A 355 -1.01 5.97 32.58
N VAL A 356 -1.86 5.24 31.84
CA VAL A 356 -2.29 5.66 30.51
C VAL A 356 -3.80 5.65 30.42
N THR A 357 -4.34 6.52 29.57
CA THR A 357 -5.76 6.50 29.22
C THR A 357 -5.90 6.58 27.70
N LEU A 358 -7.03 6.11 27.19
CA LEU A 358 -7.26 5.95 25.75
C LEU A 358 -8.32 6.92 25.29
N GLN A 359 -8.07 7.58 24.17
CA GLN A 359 -9.09 8.38 23.49
C GLN A 359 -9.21 7.87 22.06
N HIS A 360 -10.21 7.03 21.81
CA HIS A 360 -10.53 6.61 20.45
C HIS A 360 -11.07 7.79 19.67
N LEU A 361 -10.55 7.98 18.45
CA LEU A 361 -10.86 9.14 17.64
C LEU A 361 -11.10 8.73 16.20
N GLN A 362 -11.74 9.62 15.43
CA GLN A 362 -11.75 9.52 13.98
C GLN A 362 -10.35 9.83 13.44
N SER A 363 -10.17 9.62 12.14
CA SER A 363 -8.85 9.69 11.53
C SER A 363 -8.47 11.10 11.11
N GLY A 364 -9.37 11.83 10.46
CA GLY A 364 -9.10 13.22 10.17
C GLY A 364 -9.02 14.05 11.44
N ALA A 365 -9.82 13.69 12.45
CA ALA A 365 -9.79 14.39 13.72
C ALA A 365 -8.58 13.99 14.58
N LEU A 366 -8.08 12.75 14.43
CA LEU A 366 -6.87 12.37 15.15
C LEU A 366 -5.66 13.09 14.57
N TYR A 367 -5.62 13.29 13.26
CA TYR A 367 -4.46 13.95 12.68
C TYR A 367 -4.59 15.47 12.81
N SER A 368 -5.76 16.03 12.50
CA SER A 368 -5.86 17.48 12.40
C SER A 368 -5.77 18.14 13.77
N ALA A 369 -6.73 17.83 14.65
CA ALA A 369 -6.79 18.46 15.97
C ALA A 369 -5.67 18.03 16.90
N HIS A 370 -5.05 16.87 16.65
CA HIS A 370 -4.03 16.35 17.55
C HIS A 370 -2.66 16.27 16.90
N VAL A 371 -2.44 15.35 15.94
CA VAL A 371 -1.07 15.02 15.53
C VAL A 371 -0.42 16.17 14.80
N ASP A 372 -1.14 16.80 13.86
CA ASP A 372 -0.57 17.94 13.13
C ASP A 372 -0.35 19.12 14.05
N LYS A 373 -1.33 19.44 14.91
CA LYS A 373 -1.19 20.45 15.95
C LYS A 373 -0.14 20.07 17.03
N GLY A 374 0.59 18.95 16.92
CA GLY A 374 1.55 18.57 17.94
C GLY A 374 0.91 18.24 19.26
N ALA A 375 -0.41 18.26 19.31
CA ALA A 375 -1.14 18.13 20.56
C ALA A 375 -1.37 16.66 20.90
N TYR A 376 -0.27 15.95 21.06
CA TYR A 376 -0.34 14.54 21.38
C TYR A 376 1.00 14.06 21.89
N GLU A 377 0.95 12.93 22.61
CA GLU A 377 2.14 12.23 23.04
C GLU A 377 2.38 10.93 22.28
N VAL A 378 1.40 10.02 22.26
CA VAL A 378 1.55 8.70 21.67
C VAL A 378 0.34 8.37 20.81
N VAL A 379 0.59 7.83 19.61
CA VAL A 379 -0.45 7.49 18.64
C VAL A 379 -0.21 6.08 18.12
N ILE A 380 -1.23 5.21 18.19
CA ILE A 380 -1.26 3.96 17.44
C ILE A 380 -2.24 4.11 16.30
N ALA A 381 -1.78 3.81 15.10
CA ALA A 381 -2.57 4.03 13.90
C ALA A 381 -2.16 2.99 12.86
N PRO A 382 -3.03 2.71 11.89
CA PRO A 382 -2.66 1.84 10.78
C PRO A 382 -2.11 2.62 9.60
N GLY A 383 -1.34 1.91 8.79
CA GLY A 383 -0.85 2.45 7.53
C GLY A 383 -0.44 1.30 6.63
N ASP A 384 -0.53 1.54 5.31
CA ASP A 384 -0.01 0.57 4.36
C ASP A 384 0.30 1.24 3.03
N PRO A 385 1.48 1.82 2.88
CA PRO A 385 1.89 2.36 1.56
C PRO A 385 2.32 1.31 0.54
N SER A 386 2.25 0.01 0.87
CA SER A 386 2.61 -1.02 -0.12
C SER A 386 1.61 -1.10 -1.26
N VAL A 387 0.39 -0.58 -1.06
CA VAL A 387 -0.57 -0.44 -2.16
C VAL A 387 0.00 0.36 -3.32
N PHE A 388 0.99 1.21 -3.07
CA PHE A 388 1.56 2.02 -4.13
C PHE A 388 2.85 1.45 -4.71
N GLY A 389 3.50 0.52 -4.02
CA GLY A 389 4.75 -0.02 -4.51
C GLY A 389 5.34 -0.95 -3.47
N ASN A 390 6.42 -1.61 -3.87
CA ASN A 390 7.03 -2.58 -2.96
C ASN A 390 8.48 -2.28 -2.58
N ASP A 391 9.14 -1.31 -3.20
CA ASP A 391 10.57 -1.15 -3.02
C ASP A 391 10.89 -0.53 -1.65
N LEU A 392 12.11 -0.76 -1.18
CA LEU A 392 12.47 -0.29 0.16
C LEU A 392 12.44 1.24 0.23
N ASP A 393 12.83 1.93 -0.86
CA ASP A 393 12.80 3.39 -0.84
C ASP A 393 11.39 3.91 -0.65
N LEU A 394 10.43 3.37 -1.39
CA LEU A 394 9.04 3.83 -1.25
C LEU A 394 8.52 3.54 0.15
N LEU A 395 8.86 2.39 0.73
CA LEU A 395 8.26 2.04 2.00
C LEU A 395 8.92 2.80 3.15
N LEU A 396 10.24 3.02 3.08
CA LEU A 396 10.95 3.77 4.09
C LEU A 396 10.66 5.26 3.98
N SER A 397 10.65 5.80 2.74
CA SER A 397 10.48 7.25 2.57
C SER A 397 9.09 7.70 2.99
N TRP A 398 8.08 6.85 2.81
CA TRP A 398 6.71 7.25 3.12
C TRP A 398 6.58 7.80 4.54
N TRP A 399 7.41 7.32 5.46
CA TRP A 399 7.32 7.73 6.84
C TRP A 399 8.58 8.41 7.34
N TYR A 400 9.72 8.24 6.67
CA TYR A 400 11.00 8.66 7.19
C TYR A 400 11.73 9.55 6.21
N ARG A 401 11.02 10.13 5.25
CA ARG A 401 11.59 11.14 4.38
C ARG A 401 10.77 12.42 4.47
N GLY A 402 11.43 13.54 4.18
CA GLY A 402 10.81 14.83 4.08
C GLY A 402 10.35 15.41 5.41
N ASP A 403 9.44 16.38 5.29
CA ASP A 403 8.90 17.09 6.45
C ASP A 403 7.54 16.55 6.88
N VAL A 404 6.89 15.73 6.04
CA VAL A 404 5.53 15.29 6.35
C VAL A 404 5.49 14.60 7.71
N TRP A 405 6.27 13.54 7.87
CA TRP A 405 6.15 12.76 9.10
C TRP A 405 7.26 13.04 10.10
N PRO A 406 8.55 13.02 9.73
CA PRO A 406 9.60 13.16 10.74
C PRO A 406 9.77 14.59 11.27
N LYS A 407 9.37 15.62 10.50
CA LYS A 407 9.39 16.98 11.04
C LYS A 407 8.07 17.33 11.72
N ARG A 408 6.97 17.30 10.98
CA ARG A 408 5.70 17.84 11.43
C ARG A 408 4.83 16.83 12.14
N ARG A 409 5.26 15.58 12.27
CA ARG A 409 4.33 14.62 12.87
C ARG A 409 4.93 13.89 14.07
N PHE A 410 6.12 13.30 13.93
CA PHE A 410 6.75 12.70 15.10
C PHE A 410 8.04 13.42 15.52
N ARG A 411 8.37 14.53 14.86
CA ARG A 411 9.29 15.57 15.39
C ARG A 411 10.62 14.96 15.87
N TRP A 412 11.21 14.17 15.01
CA TRP A 412 12.44 13.46 15.30
C TRP A 412 13.56 13.96 14.40
N ALA A 413 13.25 14.96 13.57
CA ALA A 413 14.13 15.42 12.51
C ALA A 413 15.29 16.27 13.00
N ASN A 414 15.24 16.77 14.23
CA ASN A 414 16.32 17.54 14.80
C ASN A 414 17.39 16.66 15.45
N THR A 415 17.31 15.35 15.25
CA THR A 415 18.20 14.41 15.92
C THR A 415 19.31 13.95 14.98
N ALA A 416 20.37 13.42 15.59
CA ALA A 416 21.53 12.95 14.83
C ALA A 416 21.26 11.63 14.12
N GLU A 417 20.38 10.80 14.70
CA GLU A 417 20.04 9.55 14.06
C GLU A 417 19.25 9.81 12.78
N TYR A 418 18.34 10.79 12.82
CA TYR A 418 17.57 11.16 11.64
C TYR A 418 18.47 11.53 10.50
N HIS A 419 19.43 12.43 10.76
CA HIS A 419 20.30 12.87 9.68
C HIS A 419 21.03 11.70 9.05
N GLU A 420 21.37 10.69 9.85
CA GLU A 420 22.02 9.50 9.30
C GLU A 420 21.06 8.68 8.44
N VAL A 421 19.79 8.58 8.85
CA VAL A 421 18.77 7.90 8.04
C VAL A 421 18.62 8.59 6.69
N GLN A 422 18.49 9.92 6.70
CA GLN A 422 18.42 10.67 5.45
C GLN A 422 19.65 10.43 4.60
N LYS A 423 20.83 10.49 5.22
CA LYS A 423 22.04 10.22 4.48
C LYS A 423 22.00 8.85 3.84
N LEU A 424 21.39 7.87 4.53
CA LEU A 424 21.38 6.49 4.03
C LEU A 424 20.30 6.30 2.96
N LEU A 425 19.12 6.90 3.13
CA LEU A 425 18.12 6.85 2.07
C LEU A 425 18.67 7.45 0.78
N ASP A 426 19.21 8.68 0.86
CA ASP A 426 19.82 9.31 -0.31
C ASP A 426 20.84 8.40 -0.98
N GLU A 427 21.73 7.80 -0.19
CA GLU A 427 22.78 6.96 -0.72
C GLU A 427 22.30 5.58 -1.17
N ALA A 428 21.07 5.19 -0.81
CA ALA A 428 20.61 3.90 -1.30
C ALA A 428 20.26 3.98 -2.79
N ILE A 429 19.74 5.13 -3.23
CA ILE A 429 19.22 5.27 -4.59
C ILE A 429 20.23 5.93 -5.54
N LYS A 430 21.44 6.24 -5.08
CA LYS A 430 22.46 6.74 -6.00
C LYS A 430 22.93 5.68 -6.97
N ASN A 431 22.81 4.39 -6.61
CA ASN A 431 23.37 3.26 -7.33
C ASN A 431 23.02 1.97 -6.60
N PRO A 432 22.55 0.94 -7.29
CA PRO A 432 22.04 -0.24 -6.58
C PRO A 432 23.08 -0.98 -5.75
N ALA A 433 24.37 -0.80 -6.02
CA ALA A 433 25.39 -1.68 -5.44
C ALA A 433 25.69 -1.38 -3.98
N GLY A 434 24.97 -0.45 -3.35
CA GLY A 434 25.09 -0.26 -1.92
C GLY A 434 23.72 -0.19 -1.28
N SER A 435 22.71 -0.49 -2.11
CA SER A 435 21.32 -0.19 -1.77
C SER A 435 20.83 -0.99 -0.58
N LYS A 436 21.01 -2.33 -0.61
CA LYS A 436 20.45 -3.17 0.44
C LYS A 436 21.15 -2.93 1.77
N VAL A 437 22.45 -2.68 1.73
CA VAL A 437 23.21 -2.44 2.97
C VAL A 437 22.79 -1.12 3.60
N ALA A 438 22.62 -0.07 2.79
CA ALA A 438 22.18 1.21 3.34
C ALA A 438 20.75 1.15 3.86
N TRP A 439 19.86 0.49 3.13
CA TRP A 439 18.48 0.37 3.60
C TRP A 439 18.40 -0.42 4.91
N GLN A 440 19.15 -1.51 5.01
CA GLN A 440 19.11 -2.30 6.24
C GLN A 440 19.73 -1.54 7.40
N LYS A 441 20.72 -0.69 7.12
CA LYS A 441 21.31 0.16 8.15
C LYS A 441 20.31 1.20 8.66
N ALA A 442 19.57 1.84 7.75
CA ALA A 442 18.54 2.78 8.20
C ALA A 442 17.47 2.07 9.03
N ILE A 443 17.02 0.90 8.57
CA ILE A 443 16.06 0.10 9.35
C ILE A 443 16.61 -0.23 10.73
N ASN A 444 17.92 -0.50 10.82
CA ASN A 444 18.48 -0.82 12.12
C ASN A 444 18.52 0.40 13.03
N ILE A 445 18.77 1.58 12.46
CA ILE A 445 18.64 2.81 13.23
C ILE A 445 17.19 3.00 13.66
N ILE A 446 16.24 2.80 12.74
CA ILE A 446 14.85 3.08 13.07
C ILE A 446 14.36 2.13 14.14
N ALA A 447 14.77 0.86 14.05
CA ALA A 447 14.32 -0.15 14.99
C ALA A 447 14.94 0.06 16.36
N GLU A 448 16.12 0.68 16.40
CA GLU A 448 16.74 1.02 17.68
C GLU A 448 16.13 2.29 18.28
N GLN A 449 15.95 3.33 17.46
CA GLN A 449 15.41 4.60 17.94
C GLN A 449 13.89 4.55 18.13
N VAL A 450 13.20 3.80 17.29
CA VAL A 450 11.76 3.51 17.40
C VAL A 450 10.90 4.77 17.58
N PRO A 451 11.09 5.83 16.73
CA PRO A 451 10.14 6.97 16.74
C PRO A 451 8.78 6.63 16.17
N LEU A 452 8.78 5.94 15.03
CA LEU A 452 7.58 5.40 14.41
C LEU A 452 7.92 4.00 13.95
N TYR A 453 7.25 3.01 14.52
CA TYR A 453 7.70 1.66 14.28
C TYR A 453 6.53 0.72 14.41
N PRO A 454 6.42 -0.26 13.50
CA PRO A 454 5.31 -1.20 13.56
C PRO A 454 5.30 -2.03 14.82
N ILE A 455 4.09 -2.34 15.27
CA ILE A 455 3.86 -3.32 16.32
C ILE A 455 3.59 -4.68 15.69
N ILE A 456 2.59 -4.76 14.81
CA ILE A 456 2.30 -5.97 14.06
C ILE A 456 2.07 -5.61 12.59
N HIS A 457 2.34 -6.58 11.72
CA HIS A 457 1.94 -6.54 10.32
C HIS A 457 0.77 -7.50 10.12
N ARG A 458 -0.26 -7.04 9.43
CA ARG A 458 -1.49 -7.83 9.32
C ARG A 458 -1.37 -8.87 8.22
N LYS A 459 -2.12 -9.94 8.39
CA LYS A 459 -2.35 -10.90 7.33
C LYS A 459 -3.73 -10.60 6.77
N LEU A 460 -3.85 -10.63 5.45
CA LEU A 460 -5.12 -10.29 4.80
C LEU A 460 -5.79 -11.55 4.31
N PRO A 461 -6.95 -11.94 4.83
CA PRO A 461 -7.62 -13.16 4.34
C PRO A 461 -8.51 -12.98 3.12
N THR A 462 -8.28 -13.79 2.08
CA THR A 462 -9.10 -13.83 0.87
C THR A 462 -9.68 -15.23 0.73
N ALA A 463 -10.92 -15.33 0.24
CA ALA A 463 -11.57 -16.60 0.01
C ALA A 463 -11.92 -16.71 -1.47
N TRP A 464 -11.75 -17.89 -2.04
CA TRP A 464 -12.16 -18.08 -3.44
C TRP A 464 -12.44 -19.55 -3.68
N ASN A 465 -13.20 -19.79 -4.74
CA ASN A 465 -13.66 -21.11 -5.12
C ASN A 465 -12.74 -21.61 -6.23
N THR A 466 -11.90 -22.58 -5.90
CA THR A 466 -10.96 -23.13 -6.86
C THR A 466 -11.65 -24.02 -7.89
N LYS A 467 -12.87 -24.46 -7.63
CA LYS A 467 -13.64 -25.19 -8.64
C LYS A 467 -14.22 -24.27 -9.71
N LYS A 468 -14.31 -22.97 -9.44
CA LYS A 468 -14.88 -22.04 -10.40
C LYS A 468 -13.85 -21.12 -11.04
N LEU A 469 -12.73 -20.84 -10.38
CA LEU A 469 -11.72 -19.93 -10.92
C LEU A 469 -10.42 -20.66 -11.18
N THR A 470 -9.65 -20.16 -12.16
CA THR A 470 -8.35 -20.70 -12.53
C THR A 470 -7.27 -19.65 -12.28
N ASP A 471 -6.21 -20.06 -11.58
CA ASP A 471 -5.02 -19.25 -11.37
C ASP A 471 -5.27 -18.03 -10.49
N PHE A 472 -6.35 -18.02 -9.71
CA PHE A 472 -6.56 -16.93 -8.80
C PHE A 472 -5.55 -17.00 -7.64
N GLN A 473 -5.00 -15.84 -7.29
CA GLN A 473 -4.06 -15.71 -6.20
C GLN A 473 -4.48 -14.54 -5.32
N PRO A 474 -4.53 -14.71 -4.01
CA PRO A 474 -4.81 -13.58 -3.14
C PRO A 474 -3.64 -12.59 -3.09
N LEU A 475 -3.95 -11.34 -2.77
CA LEU A 475 -3.11 -10.14 -2.75
C LEU A 475 -2.51 -9.91 -1.36
N PRO A 476 -1.24 -9.42 -1.32
CA PRO A 476 -0.66 -8.94 -0.04
C PRO A 476 -1.00 -7.49 0.23
N THR A 477 -2.01 -6.99 -0.47
CA THR A 477 -2.54 -5.65 -0.24
C THR A 477 -4.04 -5.74 -0.13
N THR A 478 -4.68 -4.58 0.00
CA THR A 478 -6.10 -4.49 -0.22
C THR A 478 -6.42 -4.80 -1.68
N GLY A 479 -7.66 -5.17 -1.93
CA GLY A 479 -8.14 -5.36 -3.27
C GLY A 479 -8.12 -6.81 -3.71
N LEU A 480 -8.44 -6.98 -5.00
CA LEU A 480 -8.54 -8.25 -5.69
C LEU A 480 -7.96 -8.06 -7.08
N SER A 481 -7.23 -9.05 -7.56
CA SER A 481 -6.73 -9.06 -8.92
C SER A 481 -7.30 -10.25 -9.66
N PHE A 482 -7.83 -9.98 -10.85
CA PHE A 482 -8.23 -11.03 -11.78
C PHE A 482 -7.37 -11.02 -13.05
N LEU A 483 -6.26 -10.27 -13.05
CA LEU A 483 -5.28 -10.40 -14.11
C LEU A 483 -4.81 -11.84 -14.23
N GLY A 484 -4.95 -12.42 -15.42
CA GLY A 484 -4.54 -13.80 -15.61
C GLY A 484 -5.44 -14.84 -14.99
N VAL A 485 -6.62 -14.45 -14.53
CA VAL A 485 -7.56 -15.36 -13.86
C VAL A 485 -8.75 -15.61 -14.78
N GLY A 486 -9.21 -16.86 -14.82
CA GLY A 486 -10.30 -17.26 -15.69
C GLY A 486 -11.23 -18.20 -14.96
N ARG A 487 -12.21 -18.75 -15.69
CA ARG A 487 -13.18 -19.70 -15.17
C ARG A 487 -12.81 -21.11 -15.62
N THR A 488 -13.18 -22.08 -14.79
CA THR A 488 -13.18 -23.48 -15.17
C THR A 488 -14.33 -23.71 -16.17
#